data_2F41
#
_entry.id   2F41
#
_cell.length_a   39.239
_cell.length_b   84.320
_cell.length_c   155.385
_cell.angle_alpha   90.00
_cell.angle_beta   90.00
_cell.angle_gamma   90.00
#
_symmetry.space_group_name_H-M   'P 21 21 21'
#
loop_
_entity.id
_entity.type
_entity.pdbx_description
1 polymer 'Transcription factor fapR'
2 water water
#
_entity_poly.entity_id   1
_entity_poly.type   'polypeptide(L)'
_entity_poly.pdbx_seq_one_letter_code
;SLSLDEVIGEIIDLELDDQAISILEIKQEHVFSRNQIARGHHLFAQANSLAVAVIDDELALTASADIRFTRQVKQGERVV
AKAKVTAVEKEKGRTVVEVNSYVGEEIVFSGRFDMYRSKHS
;
_entity_poly.pdbx_strand_id   A,B,C,D
#
# COMPACT_ATOMS: atom_id res chain seq x y z
N GLU A 6 -6.23 -19.08 -24.00
CA GLU A 6 -6.49 -19.01 -22.53
C GLU A 6 -5.49 -18.06 -21.83
N VAL A 7 -5.40 -18.13 -20.51
CA VAL A 7 -5.04 -16.97 -19.66
C VAL A 7 -4.18 -17.40 -18.44
N ILE A 8 -3.30 -16.53 -17.94
CA ILE A 8 -2.55 -16.83 -16.69
C ILE A 8 -3.46 -16.55 -15.47
N GLY A 9 -3.52 -17.54 -14.55
CA GLY A 9 -4.50 -17.56 -13.48
C GLY A 9 -5.85 -17.99 -14.04
N GLU A 10 -6.82 -18.14 -13.13
CA GLU A 10 -8.18 -18.53 -13.44
C GLU A 10 -9.04 -17.27 -13.55
N ILE A 11 -9.72 -17.11 -14.70
CA ILE A 11 -10.76 -16.11 -14.88
C ILE A 11 -11.90 -16.38 -13.89
N ILE A 12 -12.32 -15.33 -13.19
CA ILE A 12 -13.38 -15.35 -12.20
C ILE A 12 -14.67 -14.68 -12.74
N ASP A 13 -14.52 -13.59 -13.51
CA ASP A 13 -15.63 -12.92 -14.22
C ASP A 13 -15.06 -12.29 -15.48
N LEU A 14 -15.95 -12.07 -16.43
CA LEU A 14 -15.63 -11.55 -17.73
C LEU A 14 -16.85 -10.94 -18.39
N GLU A 15 -16.86 -9.63 -18.52
CA GLU A 15 -17.86 -8.93 -19.32
C GLU A 15 -17.11 -8.37 -20.52
N LEU A 16 -17.19 -9.09 -21.62
CA LEU A 16 -16.45 -8.74 -22.80
C LEU A 16 -16.63 -7.29 -23.21
N ASP A 17 -15.50 -6.72 -23.58
CA ASP A 17 -15.31 -5.31 -23.85
C ASP A 17 -15.66 -4.40 -22.69
N ASP A 18 -15.73 -4.97 -21.48
CA ASP A 18 -15.99 -4.18 -20.30
C ASP A 18 -15.00 -4.43 -19.16
N GLN A 19 -14.94 -5.65 -18.69
CA GLN A 19 -14.11 -5.92 -17.56
C GLN A 19 -13.93 -7.43 -17.39
N ALA A 20 -12.90 -7.74 -16.62
CA ALA A 20 -12.60 -9.12 -16.30
C ALA A 20 -11.85 -9.18 -14.99
N ILE A 21 -12.02 -10.30 -14.31
CA ILE A 21 -11.27 -10.56 -13.09
C ILE A 21 -10.64 -11.97 -13.13
N SER A 22 -9.36 -12.05 -12.75
CA SER A 22 -8.68 -13.33 -12.64
C SER A 22 -7.92 -13.44 -11.32
N ILE A 23 -7.66 -14.68 -10.93
CA ILE A 23 -6.94 -15.04 -9.68
C ILE A 23 -5.72 -15.84 -9.99
N LEU A 24 -4.60 -15.46 -9.45
CA LEU A 24 -3.37 -16.25 -9.61
C LEU A 24 -2.88 -16.57 -8.21
N GLU A 25 -2.89 -17.84 -7.82
CA GLU A 25 -2.30 -18.27 -6.53
C GLU A 25 -0.78 -18.41 -6.74
N ILE A 26 0.03 -17.67 -5.99
CA ILE A 26 1.50 -17.74 -6.20
C ILE A 26 2.00 -19.01 -5.50
N LYS A 27 2.43 -19.96 -6.33
CA LYS A 27 2.96 -21.23 -5.88
C LYS A 27 4.47 -21.27 -6.17
N GLN A 28 5.15 -22.31 -5.63
CA GLN A 28 6.63 -22.50 -5.68
C GLN A 28 7.27 -22.29 -7.06
N GLU A 29 6.46 -22.38 -8.12
CA GLU A 29 6.93 -22.35 -9.52
C GLU A 29 7.07 -20.92 -10.01
N HIS A 30 6.36 -20.02 -9.32
CA HIS A 30 6.38 -18.59 -9.61
C HIS A 30 7.45 -17.78 -8.86
N VAL A 31 8.27 -18.43 -8.03
CA VAL A 31 9.03 -17.76 -6.97
C VAL A 31 10.55 -18.03 -7.06
N PHE A 32 11.39 -17.23 -6.41
CA PHE A 32 12.79 -17.54 -6.56
C PHE A 32 13.70 -17.61 -5.34
N SER A 33 13.41 -16.89 -4.25
CA SER A 33 14.42 -16.86 -3.16
C SER A 33 13.91 -17.40 -1.84
N ARG A 34 14.79 -17.40 -0.84
CA ARG A 34 14.43 -17.72 0.55
C ARG A 34 13.23 -16.88 1.08
N ASN A 35 13.12 -15.62 0.67
CA ASN A 35 11.92 -14.81 0.95
C ASN A 35 10.74 -15.18 0.07
N GLN A 36 10.97 -16.18 -0.79
CA GLN A 36 9.94 -16.79 -1.56
C GLN A 36 9.18 -15.67 -2.35
N ILE A 37 9.95 -14.86 -3.08
CA ILE A 37 9.43 -13.68 -3.79
C ILE A 37 8.99 -14.11 -5.21
N ALA A 38 7.80 -13.69 -5.65
CA ALA A 38 7.32 -13.92 -7.04
C ALA A 38 8.03 -13.03 -8.03
N ARG A 39 8.39 -13.56 -9.19
CA ARG A 39 9.04 -12.75 -10.27
C ARG A 39 7.98 -11.85 -10.94
N GLY A 40 8.38 -10.61 -11.20
CA GLY A 40 7.44 -9.59 -11.70
C GLY A 40 6.81 -9.96 -13.03
N HIS A 41 7.54 -10.63 -13.94
CA HIS A 41 6.90 -11.07 -15.19
C HIS A 41 5.61 -11.95 -15.04
N HIS A 42 5.51 -12.70 -13.94
CA HIS A 42 4.31 -13.45 -13.59
C HIS A 42 3.11 -12.55 -13.42
N LEU A 43 3.30 -11.46 -12.69
CA LEU A 43 2.25 -10.44 -12.52
C LEU A 43 1.86 -9.77 -13.84
N PHE A 44 2.86 -9.32 -14.62
CA PHE A 44 2.60 -8.80 -15.97
C PHE A 44 1.85 -9.81 -16.82
N ALA A 45 2.24 -11.06 -16.73
CA ALA A 45 1.63 -12.09 -17.58
C ALA A 45 0.11 -12.26 -17.30
N GLN A 46 -0.23 -12.30 -16.02
CA GLN A 46 -1.62 -12.34 -15.60
C GLN A 46 -2.34 -11.13 -16.14
N ALA A 47 -1.78 -9.94 -15.92
CA ALA A 47 -2.41 -8.68 -16.32
C ALA A 47 -2.55 -8.54 -17.80
N ASN A 48 -1.44 -8.76 -18.53
CA ASN A 48 -1.48 -8.70 -20.03
C ASN A 48 -2.50 -9.65 -20.63
N SER A 49 -2.51 -10.90 -20.19
CA SER A 49 -3.44 -11.89 -20.79
C SER A 49 -4.90 -11.66 -20.39
N LEU A 50 -5.11 -11.13 -19.19
CA LEU A 50 -6.45 -10.65 -18.82
C LEU A 50 -6.91 -9.44 -19.73
N ALA A 51 -6.01 -8.49 -20.05
CA ALA A 51 -6.30 -7.40 -20.98
C ALA A 51 -6.71 -7.89 -22.38
N VAL A 52 -6.04 -8.92 -22.85
CA VAL A 52 -6.37 -9.52 -24.13
C VAL A 52 -7.72 -10.22 -23.98
N ALA A 53 -7.96 -10.92 -22.88
CA ALA A 53 -9.22 -11.66 -22.67
C ALA A 53 -10.50 -10.77 -22.64
N VAL A 54 -10.46 -9.56 -22.07
CA VAL A 54 -11.60 -8.63 -22.10
C VAL A 54 -11.99 -8.17 -23.50
N ILE A 55 -11.16 -8.39 -24.51
CA ILE A 55 -11.54 -8.03 -25.87
C ILE A 55 -12.16 -9.21 -26.58
N LEU A 59 -9.87 -11.59 -31.17
CA LEU A 59 -8.46 -11.97 -31.41
C LEU A 59 -7.46 -10.74 -31.54
N ALA A 60 -6.79 -10.37 -30.43
CA ALA A 60 -6.17 -9.02 -30.22
C ALA A 60 -4.74 -9.01 -29.67
N LEU A 61 -4.04 -7.88 -29.83
CA LEU A 61 -2.62 -7.76 -29.54
C LEU A 61 -2.38 -6.51 -28.66
N THR A 62 -1.45 -6.61 -27.69
CA THR A 62 -0.92 -5.42 -26.96
C THR A 62 0.08 -4.65 -27.82
N ALA A 63 0.00 -3.33 -27.82
CA ALA A 63 0.98 -2.47 -28.54
C ALA A 63 2.00 -1.79 -27.62
N SER A 64 1.60 -1.48 -26.40
CA SER A 64 2.51 -0.88 -25.44
C SER A 64 1.86 -0.95 -24.08
N ALA A 65 2.54 -0.54 -23.04
CA ALA A 65 1.99 -0.55 -21.70
C ALA A 65 2.88 0.28 -20.79
N ASP A 66 2.32 0.99 -19.83
CA ASP A 66 3.12 1.59 -18.78
C ASP A 66 2.67 0.84 -17.53
N ILE A 67 3.61 0.25 -16.81
CA ILE A 67 3.26 -0.64 -15.71
C ILE A 67 4.04 -0.25 -14.47
N ARG A 68 3.53 -0.55 -13.28
CA ARG A 68 4.25 -0.25 -12.03
C ARG A 68 4.02 -1.40 -11.13
N PHE A 69 5.08 -1.91 -10.51
CA PHE A 69 5.00 -2.99 -9.52
C PHE A 69 5.16 -2.38 -8.16
N THR A 70 4.18 -2.56 -7.28
CA THR A 70 4.23 -1.87 -5.97
C THR A 70 5.01 -2.63 -4.94
N ARG A 71 4.52 -3.78 -4.56
CA ARG A 71 5.09 -4.51 -3.46
C ARG A 71 5.59 -5.82 -4.04
N GLN A 72 6.58 -6.37 -3.38
CA GLN A 72 7.00 -7.74 -3.64
C GLN A 72 5.86 -8.71 -3.29
N VAL A 73 5.55 -9.65 -4.17
CA VAL A 73 4.56 -10.68 -3.84
C VAL A 73 5.25 -11.97 -3.39
N LYS A 74 4.73 -12.56 -2.32
CA LYS A 74 5.34 -13.72 -1.71
C LYS A 74 4.52 -14.94 -2.09
N GLN A 75 5.17 -16.08 -2.01
CA GLN A 75 4.57 -17.37 -2.28
C GLN A 75 3.43 -17.64 -1.31
N GLY A 76 2.40 -18.33 -1.80
CA GLY A 76 1.22 -18.51 -0.99
C GLY A 76 0.19 -17.39 -1.11
N GLU A 77 0.57 -16.16 -1.50
CA GLU A 77 -0.45 -15.10 -1.64
C GLU A 77 -1.30 -15.37 -2.88
N ARG A 78 -2.46 -14.76 -2.96
CA ARG A 78 -3.38 -14.97 -4.09
C ARG A 78 -3.54 -13.58 -4.77
N VAL A 79 -3.17 -13.43 -6.03
CA VAL A 79 -3.22 -12.11 -6.65
C VAL A 79 -4.48 -11.99 -7.49
N VAL A 80 -5.29 -11.00 -7.17
CA VAL A 80 -6.53 -10.72 -7.93
C VAL A 80 -6.39 -9.57 -8.92
N ALA A 81 -6.41 -9.88 -10.21
CA ALA A 81 -6.27 -8.83 -11.23
C ALA A 81 -7.61 -8.40 -11.77
N LYS A 82 -7.79 -7.10 -11.84
CA LYS A 82 -9.10 -6.55 -12.25
C LYS A 82 -8.84 -5.73 -13.51
N ALA A 83 -9.35 -6.13 -14.66
CA ALA A 83 -9.20 -5.36 -15.89
C ALA A 83 -10.44 -4.59 -16.20
N LYS A 84 -10.27 -3.31 -16.54
CA LYS A 84 -11.38 -2.46 -16.91
C LYS A 84 -11.02 -1.81 -18.24
N VAL A 85 -11.96 -1.87 -19.20
CA VAL A 85 -11.82 -1.16 -20.49
C VAL A 85 -12.14 0.30 -20.24
N THR A 86 -11.19 1.21 -20.52
CA THR A 86 -11.34 2.60 -20.16
C THR A 86 -11.47 3.54 -21.36
N ALA A 87 -11.20 3.05 -22.56
CA ALA A 87 -11.47 3.83 -23.76
C ALA A 87 -11.49 2.87 -24.94
N VAL A 88 -12.34 3.16 -25.91
CA VAL A 88 -12.35 2.39 -27.13
C VAL A 88 -12.28 3.32 -28.34
N GLU A 89 -11.38 2.94 -29.24
CA GLU A 89 -11.40 3.47 -30.56
C GLU A 89 -11.79 2.35 -31.56
N LYS A 90 -12.95 2.54 -32.18
CA LYS A 90 -13.21 2.08 -33.54
C LYS A 90 -12.47 3.04 -34.50
N GLU A 91 -12.15 4.26 -34.05
CA GLU A 91 -11.23 5.19 -34.76
C GLU A 91 -9.90 4.50 -35.22
N LYS A 92 -8.96 4.32 -34.29
CA LYS A 92 -7.69 3.65 -34.60
C LYS A 92 -7.75 2.12 -34.48
N GLY A 93 -8.86 1.56 -33.99
CA GLY A 93 -8.82 0.19 -33.45
C GLY A 93 -7.87 0.07 -32.23
N ARG A 94 -7.67 1.17 -31.48
CA ARG A 94 -6.98 1.18 -30.18
C ARG A 94 -7.96 1.19 -28.98
N THR A 95 -7.97 0.10 -28.22
CA THR A 95 -8.71 0.01 -26.97
C THR A 95 -7.65 0.14 -25.87
N VAL A 96 -7.96 0.88 -24.80
CA VAL A 96 -7.10 1.00 -23.60
C VAL A 96 -7.68 0.19 -22.43
N VAL A 97 -6.86 -0.62 -21.78
CA VAL A 97 -7.32 -1.36 -20.63
C VAL A 97 -6.43 -0.92 -19.49
N GLU A 98 -7.02 -0.62 -18.35
CA GLU A 98 -6.28 -0.38 -17.14
C GLU A 98 -6.40 -1.68 -16.34
N VAL A 99 -5.30 -2.21 -15.80
CA VAL A 99 -5.35 -3.40 -14.94
C VAL A 99 -4.66 -3.12 -13.59
N ASN A 100 -5.40 -3.22 -12.48
CA ASN A 100 -4.80 -3.19 -11.15
C ASN A 100 -4.96 -4.55 -10.52
N SER A 101 -3.89 -5.02 -9.87
CA SER A 101 -3.84 -6.32 -9.21
C SER A 101 -3.64 -6.06 -7.73
N TYR A 102 -4.30 -6.92 -6.90
CA TYR A 102 -4.40 -6.78 -5.46
C TYR A 102 -4.06 -8.03 -4.70
N VAL A 103 -3.47 -7.85 -3.52
CA VAL A 103 -3.39 -8.91 -2.51
C VAL A 103 -4.09 -8.36 -1.28
N GLY A 104 -5.21 -8.98 -0.94
CA GLY A 104 -6.17 -8.37 0.00
C GLY A 104 -6.61 -7.02 -0.57
N GLU A 105 -6.46 -6.00 0.25
CA GLU A 105 -6.83 -4.65 -0.12
C GLU A 105 -5.66 -3.84 -0.74
N GLU A 106 -4.43 -4.37 -0.79
CA GLU A 106 -3.32 -3.61 -1.37
C GLU A 106 -3.02 -3.92 -2.85
N ILE A 107 -2.83 -2.86 -3.63
CA ILE A 107 -2.29 -2.90 -4.98
C ILE A 107 -0.88 -3.42 -4.98
N VAL A 108 -0.63 -4.44 -5.78
CA VAL A 108 0.74 -4.93 -6.00
C VAL A 108 1.23 -4.71 -7.44
N PHE A 109 0.31 -4.35 -8.34
CA PHE A 109 0.58 -4.11 -9.75
C PHE A 109 -0.46 -3.18 -10.33
N SER A 110 -0.03 -2.33 -11.23
CA SER A 110 -0.92 -1.50 -11.94
C SER A 110 -0.40 -1.24 -13.36
N GLY A 111 -1.27 -1.25 -14.35
CA GLY A 111 -0.81 -0.97 -15.70
C GLY A 111 -1.88 -0.44 -16.64
N ARG A 112 -1.46 0.40 -17.58
CA ARG A 112 -2.32 0.81 -18.68
C ARG A 112 -1.81 0.14 -19.97
N PHE A 113 -2.69 -0.59 -20.66
CA PHE A 113 -2.32 -1.39 -21.81
C PHE A 113 -2.99 -0.81 -23.04
N ASP A 114 -2.22 -0.54 -24.08
CA ASP A 114 -2.77 -0.06 -25.34
C ASP A 114 -2.88 -1.21 -26.30
N MET A 115 -4.12 -1.60 -26.62
CA MET A 115 -4.40 -2.78 -27.47
C MET A 115 -4.64 -2.32 -28.89
N TYR A 116 -3.99 -3.03 -29.80
CA TYR A 116 -4.24 -2.93 -31.23
C TYR A 116 -4.58 -4.35 -31.67
N GLU B 6 16.70 -19.59 -14.43
CA GLU B 6 16.16 -18.35 -13.78
C GLU B 6 16.16 -17.08 -14.70
N VAL B 7 16.35 -17.28 -16.02
CA VAL B 7 16.17 -16.26 -17.08
C VAL B 7 15.34 -16.85 -18.24
N ILE B 8 14.46 -16.09 -18.88
CA ILE B 8 13.69 -16.61 -20.05
C ILE B 8 14.56 -16.48 -21.32
N GLY B 9 14.65 -17.57 -22.06
CA GLY B 9 15.58 -17.68 -23.17
C GLY B 9 17.00 -17.90 -22.66
N GLU B 10 17.93 -18.02 -23.60
CA GLU B 10 19.31 -18.34 -23.26
C GLU B 10 20.22 -17.13 -23.21
N ILE B 11 20.87 -16.90 -22.09
CA ILE B 11 21.91 -15.85 -22.00
C ILE B 11 23.09 -16.22 -22.95
N ILE B 12 23.39 -15.29 -23.87
CA ILE B 12 24.42 -15.45 -24.91
C ILE B 12 25.67 -14.61 -24.50
N ASP B 13 25.41 -13.47 -23.87
CA ASP B 13 26.44 -12.48 -23.49
C ASP B 13 26.01 -11.70 -22.24
N LEU B 14 26.93 -11.52 -21.28
CA LEU B 14 26.63 -10.88 -20.03
C LEU B 14 27.85 -10.14 -19.48
N GLU B 15 27.80 -8.81 -19.54
CA GLU B 15 28.76 -7.94 -18.89
C GLU B 15 28.00 -7.25 -17.76
N LEU B 16 28.18 -7.77 -16.55
CA LEU B 16 27.44 -7.27 -15.41
C LEU B 16 27.61 -5.77 -15.23
N ASP B 17 26.49 -5.14 -14.90
CA ASP B 17 26.35 -3.71 -14.72
C ASP B 17 26.67 -2.96 -15.98
N ASP B 18 26.49 -3.63 -17.12
CA ASP B 18 26.82 -3.04 -18.40
C ASP B 18 25.82 -3.52 -19.50
N GLN B 19 25.97 -4.74 -19.96
CA GLN B 19 25.04 -5.24 -20.96
C GLN B 19 24.97 -6.72 -21.00
N ALA B 20 23.91 -7.20 -21.65
CA ALA B 20 23.61 -8.61 -21.77
C ALA B 20 22.80 -8.92 -23.02
N ILE B 21 22.95 -10.15 -23.51
CA ILE B 21 22.20 -10.61 -24.66
C ILE B 21 21.61 -12.01 -24.42
N SER B 22 20.34 -12.19 -24.76
CA SER B 22 19.70 -13.49 -24.64
C SER B 22 18.95 -13.74 -25.93
N ILE B 23 18.69 -15.04 -26.19
CA ILE B 23 18.04 -15.56 -27.38
C ILE B 23 16.87 -16.41 -26.90
N LEU B 24 15.70 -16.18 -27.48
CA LEU B 24 14.51 -16.99 -27.20
C LEU B 24 13.98 -17.51 -28.52
N GLU B 25 14.00 -18.84 -28.70
CA GLU B 25 13.39 -19.46 -29.91
C GLU B 25 11.90 -19.66 -29.64
N ILE B 26 11.05 -19.06 -30.46
CA ILE B 26 9.61 -19.15 -30.25
C ILE B 26 9.08 -20.52 -30.75
N LYS B 27 8.65 -21.33 -29.79
CA LYS B 27 8.14 -22.68 -29.99
C LYS B 27 6.65 -22.72 -29.70
N GLN B 28 6.15 -23.96 -29.59
CA GLN B 28 4.73 -24.28 -29.37
C GLN B 28 4.22 -23.72 -28.03
N GLU B 29 5.08 -23.74 -27.03
CA GLU B 29 4.70 -23.22 -25.74
C GLU B 29 4.46 -21.71 -25.71
N HIS B 30 4.88 -20.99 -26.73
CA HIS B 30 4.81 -19.55 -26.71
C HIS B 30 3.69 -18.94 -27.58
N VAL B 31 2.89 -19.74 -28.25
CA VAL B 31 2.04 -19.19 -29.30
C VAL B 31 0.51 -19.43 -29.10
N PHE B 32 -0.30 -18.56 -29.70
CA PHE B 32 -1.74 -18.78 -29.87
C PHE B 32 -1.85 -19.84 -30.98
N SER B 33 -2.70 -20.82 -30.75
CA SER B 33 -2.92 -21.86 -31.76
C SER B 33 -3.51 -21.28 -33.03
N ARG B 34 -4.42 -20.30 -32.88
CA ARG B 34 -5.17 -19.84 -34.04
C ARG B 34 -4.17 -19.37 -35.09
N ASN B 35 -3.26 -18.49 -34.71
CA ASN B 35 -2.42 -17.80 -35.69
C ASN B 35 -0.91 -18.08 -35.64
N GLN B 36 -0.46 -18.93 -34.71
CA GLN B 36 1.01 -19.22 -34.54
C GLN B 36 1.87 -17.96 -34.27
N ILE B 37 1.27 -17.03 -33.52
CA ILE B 37 1.86 -15.79 -33.08
C ILE B 37 2.16 -15.88 -31.59
N ALA B 38 3.39 -15.50 -31.25
CA ALA B 38 3.89 -15.55 -29.88
C ALA B 38 3.13 -14.57 -28.99
N ARG B 39 2.85 -14.99 -27.75
CA ARG B 39 2.18 -14.12 -26.81
C ARG B 39 3.12 -13.07 -26.29
N GLY B 40 2.62 -11.85 -26.11
CA GLY B 40 3.52 -10.72 -25.74
C GLY B 40 4.19 -10.85 -24.37
N HIS B 41 3.54 -11.49 -23.40
CA HIS B 41 4.22 -11.73 -22.12
C HIS B 41 5.52 -12.62 -22.20
N HIS B 42 5.67 -13.43 -23.23
CA HIS B 42 6.94 -14.14 -23.40
C HIS B 42 8.07 -13.21 -23.76
N LEU B 43 7.75 -12.21 -24.59
CA LEU B 43 8.71 -11.16 -24.95
C LEU B 43 9.08 -10.28 -23.76
N PHE B 44 8.09 -9.89 -22.99
CA PHE B 44 8.32 -9.18 -21.79
C PHE B 44 9.18 -9.94 -20.82
N ALA B 45 8.86 -11.21 -20.64
CA ALA B 45 9.55 -12.07 -19.67
C ALA B 45 11.03 -12.19 -20.00
N GLN B 46 11.32 -12.39 -21.28
CA GLN B 46 12.70 -12.45 -21.74
C GLN B 46 13.43 -11.16 -21.37
N ALA B 47 12.85 -10.01 -21.76
CA ALA B 47 13.45 -8.72 -21.50
C ALA B 47 13.52 -8.44 -20.02
N ASN B 48 12.47 -8.66 -19.24
CA ASN B 48 12.54 -8.27 -17.83
C ASN B 48 13.59 -9.07 -17.09
N SER B 49 13.68 -10.37 -17.35
CA SER B 49 14.66 -11.28 -16.69
C SER B 49 16.12 -11.03 -17.16
N LEU B 50 16.27 -10.60 -18.40
CA LEU B 50 17.56 -10.09 -18.86
C LEU B 50 17.98 -8.77 -18.12
N ALA B 51 17.02 -7.87 -17.85
CA ALA B 51 17.27 -6.65 -17.06
C ALA B 51 17.70 -6.95 -15.63
N VAL B 52 17.12 -7.98 -15.04
CA VAL B 52 17.50 -8.45 -13.70
C VAL B 52 18.90 -9.09 -13.73
N ALA B 53 19.14 -9.87 -14.79
CA ALA B 53 20.44 -10.51 -15.00
C ALA B 53 21.66 -9.56 -15.11
N VAL B 54 21.52 -8.42 -15.83
CA VAL B 54 22.64 -7.45 -15.90
C VAL B 54 23.02 -6.80 -14.57
N ILE B 55 22.20 -6.93 -13.52
CA ILE B 55 22.52 -6.37 -12.20
C ILE B 55 23.20 -7.42 -11.33
N LEU B 59 21.03 -9.36 -6.48
CA LEU B 59 19.62 -9.78 -6.24
C LEU B 59 18.62 -8.60 -6.24
N ALA B 60 17.92 -8.41 -7.36
CA ALA B 60 17.27 -7.12 -7.73
C ALA B 60 15.82 -7.26 -8.22
N LEU B 61 15.08 -6.16 -8.19
CA LEU B 61 13.63 -6.15 -8.47
C LEU B 61 13.28 -5.03 -9.43
N THR B 62 12.31 -5.27 -10.32
CA THR B 62 11.80 -4.25 -11.23
C THR B 62 10.80 -3.36 -10.52
N ALA B 63 10.83 -2.05 -10.71
CA ALA B 63 9.82 -1.16 -10.10
C ALA B 63 8.77 -0.66 -11.08
N SER B 64 9.19 -0.38 -12.28
CA SER B 64 8.24 -0.11 -13.34
C SER B 64 8.93 -0.30 -14.66
N ALA B 65 8.17 -0.08 -15.73
CA ALA B 65 8.63 -0.31 -17.06
C ALA B 65 7.69 0.33 -18.05
N ASP B 66 8.27 0.77 -19.16
CA ASP B 66 7.48 1.31 -20.26
C ASP B 66 7.89 0.55 -21.49
N ILE B 67 6.96 -0.14 -22.09
CA ILE B 67 7.32 -1.15 -23.04
C ILE B 67 6.51 -1.01 -24.28
N ARG B 68 7.02 -1.52 -25.38
CA ARG B 68 6.41 -1.32 -26.66
C ARG B 68 6.58 -2.57 -27.52
N PHE B 69 5.50 -3.18 -27.97
CA PHE B 69 5.56 -4.32 -28.90
C PHE B 69 5.43 -3.82 -30.33
N THR B 70 6.43 -4.11 -31.15
CA THR B 70 6.51 -3.54 -32.48
C THR B 70 5.96 -4.49 -33.59
N ARG B 71 6.66 -5.58 -33.95
CA ARG B 71 6.07 -6.61 -34.84
C ARG B 71 5.48 -7.78 -34.04
N GLN B 72 4.40 -8.42 -34.54
CA GLN B 72 4.00 -9.77 -34.09
C GLN B 72 5.17 -10.72 -34.36
N VAL B 73 5.53 -11.56 -33.38
CA VAL B 73 6.56 -12.56 -33.57
C VAL B 73 5.90 -13.91 -33.84
N LYS B 74 6.42 -14.64 -34.83
CA LYS B 74 5.87 -15.92 -35.29
C LYS B 74 6.71 -17.07 -34.75
N GLN B 75 6.08 -18.22 -34.65
CA GLN B 75 6.75 -19.42 -34.23
C GLN B 75 7.86 -19.75 -35.21
N GLY B 76 8.93 -20.35 -34.68
CA GLY B 76 10.11 -20.59 -35.50
C GLY B 76 11.10 -19.46 -35.40
N GLU B 77 10.70 -18.25 -34.98
CA GLU B 77 11.67 -17.13 -34.84
C GLU B 77 12.57 -17.15 -33.54
N ARG B 78 13.81 -16.67 -33.71
CA ARG B 78 14.77 -16.45 -32.66
C ARG B 78 14.69 -14.99 -32.36
N VAL B 79 14.31 -14.66 -31.13
CA VAL B 79 14.28 -13.27 -30.65
C VAL B 79 15.49 -13.00 -29.81
N VAL B 80 16.31 -12.07 -30.32
CA VAL B 80 17.51 -11.63 -29.61
C VAL B 80 17.25 -10.39 -28.81
N ALA B 81 17.39 -10.47 -27.49
CA ALA B 81 17.19 -9.36 -26.57
C ALA B 81 18.53 -8.84 -26.12
N LYS B 82 18.68 -7.52 -26.10
CA LYS B 82 19.94 -6.81 -25.87
C LYS B 82 19.70 -5.77 -24.80
N ALA B 83 20.22 -6.05 -23.59
CA ALA B 83 20.03 -5.17 -22.47
C ALA B 83 21.25 -4.26 -22.33
N LYS B 84 21.04 -2.97 -22.05
CA LYS B 84 22.12 -2.04 -21.78
C LYS B 84 21.68 -1.18 -20.58
N VAL B 85 22.56 -1.08 -19.57
CA VAL B 85 22.38 -0.20 -18.43
C VAL B 85 22.64 1.23 -18.89
N THR B 86 21.68 2.13 -18.70
CA THR B 86 21.75 3.50 -19.22
C THR B 86 21.88 4.60 -18.14
N ALA B 87 21.60 4.22 -16.89
CA ALA B 87 21.87 5.10 -15.76
C ALA B 87 21.89 4.30 -14.45
N VAL B 88 22.72 4.70 -13.51
CA VAL B 88 22.77 4.10 -12.17
C VAL B 88 22.75 5.27 -11.17
N GLU B 89 22.02 5.07 -10.07
CA GLU B 89 21.96 5.98 -8.93
C GLU B 89 22.56 5.18 -7.80
N LYS B 90 23.89 5.28 -7.66
CA LYS B 90 24.64 4.66 -6.57
C LYS B 90 23.85 4.83 -5.31
N GLU B 91 23.73 6.10 -4.88
CA GLU B 91 22.92 6.52 -3.74
C GLU B 91 21.75 5.54 -3.53
N LYS B 92 20.58 5.82 -4.14
CA LYS B 92 19.34 5.04 -3.95
C LYS B 92 19.34 3.60 -4.51
N GLY B 93 20.47 3.08 -4.97
CA GLY B 93 20.50 1.69 -5.49
C GLY B 93 19.51 1.44 -6.65
N ARG B 94 19.43 2.39 -7.58
CA ARG B 94 18.47 2.39 -8.69
C ARG B 94 19.23 2.31 -9.96
N THR B 95 18.80 1.42 -10.85
CA THR B 95 19.43 1.21 -12.13
C THR B 95 18.35 1.26 -13.20
N VAL B 96 18.60 1.90 -14.33
CA VAL B 96 17.68 1.82 -15.47
C VAL B 96 18.31 0.98 -16.56
N VAL B 97 17.57 0.02 -17.07
CA VAL B 97 18.01 -0.84 -18.18
C VAL B 97 17.10 -0.62 -19.42
N GLU B 98 17.66 -0.36 -20.59
CA GLU B 98 16.84 -0.30 -21.80
C GLU B 98 17.03 -1.65 -22.50
N VAL B 99 15.97 -2.32 -22.94
CA VAL B 99 16.10 -3.61 -23.65
C VAL B 99 15.41 -3.51 -25.00
N ASN B 100 16.15 -3.69 -26.08
CA ASN B 100 15.51 -3.88 -27.37
C ASN B 100 15.74 -5.31 -27.86
N SER B 101 14.69 -5.90 -28.43
CA SER B 101 14.64 -7.26 -28.88
C SER B 101 14.40 -7.21 -30.38
N TYR B 102 15.09 -8.09 -31.10
CA TYR B 102 15.09 -8.12 -32.57
C TYR B 102 14.85 -9.53 -33.12
N VAL B 103 14.17 -9.57 -34.28
CA VAL B 103 14.16 -10.76 -35.14
C VAL B 103 14.83 -10.30 -36.45
N GLY B 104 15.99 -10.89 -36.71
CA GLY B 104 16.92 -10.41 -37.74
C GLY B 104 17.34 -9.03 -37.35
N GLU B 105 17.12 -8.11 -38.29
CA GLU B 105 17.45 -6.68 -38.11
C GLU B 105 16.26 -5.84 -37.58
N GLU B 106 15.05 -6.42 -37.52
CA GLU B 106 13.85 -5.66 -37.07
C GLU B 106 13.57 -5.76 -35.55
N ILE B 107 13.43 -4.60 -34.88
CA ILE B 107 12.86 -4.49 -33.51
C ILE B 107 11.47 -5.09 -33.47
N VAL B 108 11.29 -5.98 -32.52
CA VAL B 108 9.97 -6.49 -32.20
C VAL B 108 9.51 -6.03 -30.80
N PHE B 109 10.42 -5.49 -29.99
CA PHE B 109 10.12 -5.11 -28.64
C PHE B 109 11.15 -4.13 -28.13
N SER B 110 10.66 -3.16 -27.37
CA SER B 110 11.51 -2.16 -26.77
C SER B 110 10.98 -1.76 -25.38
N GLY B 111 11.85 -1.69 -24.38
CA GLY B 111 11.42 -1.36 -23.03
C GLY B 111 12.45 -0.70 -22.15
N ARG B 112 12.03 0.22 -21.32
CA ARG B 112 12.87 0.83 -20.31
C ARG B 112 12.45 0.35 -18.95
N PHE B 113 13.35 -0.22 -18.16
CA PHE B 113 13.00 -0.88 -16.90
C PHE B 113 13.65 -0.14 -15.79
N ASP B 114 12.89 0.16 -14.73
CA ASP B 114 13.42 0.85 -13.54
C ASP B 114 13.61 -0.13 -12.43
N MET B 115 14.85 -0.42 -12.11
CA MET B 115 15.18 -1.50 -11.21
C MET B 115 15.61 -0.99 -9.85
N TYR B 116 15.51 -1.84 -8.84
CA TYR B 116 15.90 -1.48 -7.46
C TYR B 116 16.59 -2.59 -6.63
N ARG B 117 17.42 -2.14 -5.66
CA ARG B 117 18.37 -2.95 -4.85
C ARG B 117 17.72 -3.86 -3.81
N GLU C 6 4.16 23.11 20.49
CA GLU C 6 3.62 21.83 21.01
C GLU C 6 2.96 20.95 19.94
N VAL C 7 3.74 20.02 19.38
CA VAL C 7 3.27 19.01 18.41
C VAL C 7 4.14 17.74 18.59
N ILE C 8 3.60 16.54 18.37
CA ILE C 8 4.44 15.31 18.43
C ILE C 8 5.15 15.11 17.09
N GLY C 9 6.46 14.84 17.15
CA GLY C 9 7.33 14.88 15.97
C GLY C 9 7.71 16.32 15.61
N GLU C 10 8.67 16.49 14.69
CA GLU C 10 9.12 17.79 14.18
C GLU C 10 8.24 18.21 13.01
N ILE C 11 7.69 19.43 13.06
CA ILE C 11 7.01 20.04 11.91
C ILE C 11 8.05 20.30 10.83
N ILE C 12 7.75 19.90 9.59
CA ILE C 12 8.68 20.09 8.46
C ILE C 12 8.15 21.17 7.46
N ASP C 13 6.84 21.21 7.22
CA ASP C 13 6.21 22.30 6.44
C ASP C 13 4.79 22.49 6.98
N LEU C 14 4.32 23.75 6.92
CA LEU C 14 3.03 24.20 7.49
C LEU C 14 2.43 25.35 6.65
N GLU C 15 1.36 25.08 5.91
CA GLU C 15 0.59 26.11 5.26
C GLU C 15 -0.75 26.17 6.01
N LEU C 16 -0.86 27.13 6.94
CA LEU C 16 -2.04 27.23 7.81
C LEU C 16 -3.35 27.24 7.04
N ASP C 17 -4.36 26.67 7.69
CA ASP C 17 -5.58 26.19 7.05
C ASP C 17 -5.39 25.57 5.63
N ASP C 18 -4.16 25.15 5.27
CA ASP C 18 -3.90 24.37 4.03
C ASP C 18 -3.34 22.91 4.25
N GLN C 19 -2.05 22.84 4.52
CA GLN C 19 -1.25 21.63 4.42
C GLN C 19 -0.33 21.66 5.64
N ALA C 20 0.08 20.52 6.17
CA ALA C 20 1.22 20.49 7.12
C ALA C 20 1.91 19.12 7.10
N ILE C 21 3.20 19.11 7.38
CA ILE C 21 3.97 17.88 7.37
C ILE C 21 4.87 17.81 8.62
N SER C 22 4.86 16.65 9.28
CA SER C 22 5.72 16.37 10.42
C SER C 22 6.40 15.04 10.26
N ILE C 23 7.51 14.88 10.97
CA ILE C 23 8.33 13.67 10.96
C ILE C 23 8.45 13.17 12.40
N LEU C 24 8.28 11.88 12.63
CA LEU C 24 8.48 11.30 13.95
C LEU C 24 9.47 10.17 13.83
N GLU C 25 10.64 10.29 14.42
CA GLU C 25 11.58 9.15 14.38
C GLU C 25 11.23 8.22 15.54
N ILE C 26 10.91 6.95 15.26
CA ILE C 26 10.59 6.04 16.36
C ILE C 26 11.87 5.58 17.09
N LYS C 27 12.14 6.21 18.25
CA LYS C 27 13.19 5.86 19.21
C LYS C 27 12.63 5.03 20.42
N GLN C 28 13.52 4.53 21.28
CA GLN C 28 13.22 3.46 22.30
C GLN C 28 12.11 3.79 23.31
N GLU C 29 11.80 5.07 23.43
CA GLU C 29 10.57 5.57 24.04
C GLU C 29 9.31 4.86 23.52
N HIS C 30 9.15 4.86 22.20
CA HIS C 30 7.87 4.66 21.51
C HIS C 30 7.46 3.17 21.33
N VAL C 31 8.25 2.22 21.85
CA VAL C 31 8.04 0.79 21.46
C VAL C 31 7.80 -0.18 22.61
N ALA C 38 6.48 -0.10 17.65
CA ALA C 38 5.91 1.17 18.11
C ALA C 38 4.44 1.03 18.51
N ARG C 39 4.03 1.70 19.58
CA ARG C 39 2.64 1.64 20.02
C ARG C 39 1.78 2.60 19.20
N GLY C 40 0.57 2.17 18.86
CA GLY C 40 -0.29 2.90 17.91
C GLY C 40 -0.66 4.28 18.39
N HIS C 41 -0.84 4.51 19.69
CA HIS C 41 -1.19 5.87 20.13
C HIS C 41 -0.14 6.93 19.80
N HIS C 42 1.11 6.51 19.64
CA HIS C 42 2.17 7.42 19.19
C HIS C 42 1.90 7.94 17.77
N LEU C 43 1.48 7.05 16.87
CA LEU C 43 1.05 7.49 15.54
C LEU C 43 -0.17 8.35 15.52
N PHE C 44 -1.18 7.98 16.29
CA PHE C 44 -2.35 8.83 16.45
C PHE C 44 -1.97 10.15 17.09
N ALA C 45 -1.09 10.13 18.07
CA ALA C 45 -0.64 11.40 18.69
C ALA C 45 -0.08 12.39 17.66
N GLN C 46 0.81 11.88 16.81
CA GLN C 46 1.50 12.66 15.73
C GLN C 46 0.46 13.24 14.77
N ALA C 47 -0.44 12.36 14.35
CA ALA C 47 -1.45 12.72 13.41
C ALA C 47 -2.46 13.72 13.99
N ASN C 48 -2.99 13.47 15.19
CA ASN C 48 -3.96 14.35 15.81
C ASN C 48 -3.37 15.73 16.10
N SER C 49 -2.14 15.80 16.61
CA SER C 49 -1.47 17.09 16.92
C SER C 49 -1.06 17.86 15.66
N LEU C 50 -0.76 17.16 14.57
CA LEU C 50 -0.57 17.88 13.29
C LEU C 50 -1.91 18.46 12.79
N ALA C 51 -2.99 17.70 12.95
CA ALA C 51 -4.34 18.17 12.55
C ALA C 51 -4.72 19.44 13.28
N VAL C 52 -4.36 19.53 14.55
CA VAL C 52 -4.58 20.77 15.29
C VAL C 52 -3.63 21.85 14.78
N ALA C 53 -2.39 21.50 14.53
CA ALA C 53 -1.42 22.50 14.06
C ALA C 53 -1.81 23.20 12.72
N VAL C 54 -2.42 22.49 11.76
CA VAL C 54 -2.87 23.15 10.48
C VAL C 54 -3.91 24.26 10.65
N ILE C 55 -4.58 24.33 11.81
CA ILE C 55 -5.60 25.35 12.06
C ILE C 55 -4.95 26.56 12.69
N LEU C 59 -6.48 28.23 17.92
CA LEU C 59 -6.64 27.41 19.13
C LEU C 59 -7.90 26.51 19.06
N ALA C 60 -7.70 25.20 18.72
CA ALA C 60 -8.77 24.29 18.21
C ALA C 60 -8.77 22.86 18.80
N LEU C 61 -9.90 22.18 18.62
CA LEU C 61 -10.17 20.93 19.30
C LEU C 61 -10.61 19.88 18.26
N THR C 62 -10.18 18.61 18.42
CA THR C 62 -10.69 17.44 17.63
C THR C 62 -12.01 16.93 18.23
N ALA C 63 -13.06 16.69 17.43
CA ALA C 63 -14.36 16.19 17.93
C ALA C 63 -14.53 14.70 17.73
N SER C 64 -14.03 14.19 16.62
CA SER C 64 -14.15 12.78 16.31
C SER C 64 -13.18 12.45 15.21
N ALA C 65 -12.92 11.17 14.99
CA ALA C 65 -11.95 10.77 13.98
C ALA C 65 -12.15 9.29 13.63
N ASP C 66 -11.99 8.93 12.35
CA ASP C 66 -12.03 7.52 11.84
C ASP C 66 -10.61 7.18 11.40
N ILE C 67 -9.93 6.25 12.05
CA ILE C 67 -8.49 6.03 11.80
C ILE C 67 -8.21 4.56 11.45
N ARG C 68 -7.19 4.30 10.63
CA ARG C 68 -6.75 2.97 10.26
C ARG C 68 -5.30 2.89 10.56
N PHE C 69 -4.84 1.82 11.19
CA PHE C 69 -3.41 1.52 11.28
C PHE C 69 -3.09 0.41 10.29
N THR C 70 -2.18 0.68 9.37
CA THR C 70 -1.89 -0.26 8.28
C THR C 70 -0.89 -1.30 8.68
N ARG C 71 0.36 -0.95 8.91
CA ARG C 71 1.20 -2.04 9.38
C ARG C 71 1.94 -1.56 10.58
N GLN C 72 2.53 -2.51 11.28
CA GLN C 72 3.29 -2.23 12.48
C GLN C 72 4.54 -1.41 12.15
N VAL C 73 4.78 -0.36 12.93
CA VAL C 73 5.98 0.46 12.78
C VAL C 73 7.06 -0.01 13.76
N LYS C 74 8.28 -0.18 13.24
CA LYS C 74 9.40 -0.69 14.03
C LYS C 74 10.28 0.48 14.49
N GLN C 75 11.05 0.23 15.54
CA GLN C 75 12.02 1.18 16.08
C GLN C 75 13.09 1.48 15.05
N GLY C 76 13.57 2.72 15.03
CA GLY C 76 14.48 3.16 13.97
C GLY C 76 13.78 3.75 12.75
N GLU C 77 12.50 3.45 12.54
CA GLU C 77 11.75 3.99 11.40
C GLU C 77 11.39 5.48 11.58
N ARG C 78 11.17 6.18 10.48
CA ARG C 78 10.88 7.60 10.49
C ARG C 78 9.51 7.72 9.90
N VAL C 79 8.57 8.24 10.65
CA VAL C 79 7.21 8.30 10.18
C VAL C 79 6.89 9.74 9.76
N VAL C 80 6.54 9.89 8.48
CA VAL C 80 6.21 11.18 7.86
C VAL C 80 4.70 11.40 7.74
N ALA C 81 4.14 12.31 8.53
CA ALA C 81 2.69 12.54 8.52
C ALA C 81 2.38 13.78 7.69
N LYS C 82 1.33 13.66 6.90
CA LYS C 82 0.98 14.69 5.96
C LYS C 82 -0.49 15.04 6.17
N ALA C 83 -0.76 16.18 6.76
CA ALA C 83 -2.14 16.62 6.95
C ALA C 83 -2.57 17.57 5.83
N LYS C 84 -3.79 17.35 5.33
CA LYS C 84 -4.40 18.19 4.30
C LYS C 84 -5.80 18.58 4.77
N VAL C 85 -6.10 19.86 4.79
CA VAL C 85 -7.44 20.34 5.09
C VAL C 85 -8.34 20.06 3.91
N THR C 86 -9.42 19.29 4.07
CA THR C 86 -10.26 18.85 2.92
C THR C 86 -11.68 19.49 2.89
N ALA C 87 -12.07 20.15 3.96
CA ALA C 87 -13.33 20.89 3.95
C ALA C 87 -13.33 21.86 5.13
N VAL C 88 -13.98 23.02 4.94
CA VAL C 88 -14.24 24.00 6.03
C VAL C 88 -15.76 24.38 6.01
N GLU C 89 -16.44 24.57 7.18
CA GLU C 89 -17.95 24.63 7.24
C GLU C 89 -18.66 25.90 7.71
N LYS C 90 -19.56 26.40 6.84
CA LYS C 90 -20.49 27.52 7.09
C LYS C 90 -19.80 28.77 7.66
N GLU C 91 -20.46 29.45 8.63
CA GLU C 91 -19.77 30.33 9.59
C GLU C 91 -19.69 29.57 10.93
N LYS C 92 -19.83 28.26 10.87
CA LYS C 92 -19.79 27.36 12.04
C LYS C 92 -18.35 27.08 12.49
N GLY C 93 -18.20 26.17 13.43
CA GLY C 93 -16.91 25.88 14.00
C GLY C 93 -16.20 24.76 13.29
N ARG C 94 -16.66 24.32 12.10
CA ARG C 94 -16.22 22.99 11.51
C ARG C 94 -15.15 22.98 10.36
N THR C 95 -14.14 22.10 10.49
CA THR C 95 -13.15 21.81 9.44
C THR C 95 -12.82 20.33 9.46
N VAL C 96 -12.62 19.71 8.30
CA VAL C 96 -12.16 18.31 8.22
C VAL C 96 -10.72 18.21 7.72
N VAL C 97 -9.90 17.42 8.42
CA VAL C 97 -8.50 17.21 8.06
C VAL C 97 -8.28 15.74 7.78
N GLU C 98 -7.74 15.41 6.61
CA GLU C 98 -7.38 14.02 6.32
C GLU C 98 -5.87 13.96 6.62
N VAL C 99 -5.40 12.95 7.36
CA VAL C 99 -3.93 12.80 7.61
C VAL C 99 -3.48 11.41 7.22
N ASN C 100 -2.53 11.33 6.28
CA ASN C 100 -1.87 10.09 5.92
C ASN C 100 -0.44 10.17 6.33
N SER C 101 0.02 9.08 6.95
CA SER C 101 1.38 8.97 7.45
C SER C 101 2.08 7.81 6.75
N TYR C 102 3.36 8.03 6.45
CA TYR C 102 4.19 7.16 5.63
C TYR C 102 5.51 6.73 6.26
N VAL C 103 5.94 5.53 5.91
CA VAL C 103 7.33 5.11 6.08
C VAL C 103 7.80 4.78 4.67
N GLY C 104 8.73 5.58 4.17
CA GLY C 104 9.09 5.57 2.74
C GLY C 104 7.86 5.94 1.96
N GLU C 105 7.51 5.07 1.02
CA GLU C 105 6.34 5.21 0.16
C GLU C 105 5.11 4.50 0.72
N GLU C 106 5.23 3.69 1.77
CA GLU C 106 4.03 2.99 2.26
C GLU C 106 3.25 3.68 3.41
N ILE C 107 1.93 3.83 3.23
CA ILE C 107 1.03 4.29 4.29
C ILE C 107 1.06 3.33 5.46
N VAL C 108 1.32 3.87 6.64
CA VAL C 108 1.19 3.12 7.90
C VAL C 108 0.03 3.59 8.78
N PHE C 109 -0.56 4.76 8.46
CA PHE C 109 -1.67 5.38 9.22
C PHE C 109 -2.48 6.27 8.29
N SER C 110 -3.79 6.28 8.45
CA SER C 110 -4.64 7.18 7.71
C SER C 110 -5.76 7.57 8.63
N GLY C 111 -6.23 8.81 8.51
CA GLY C 111 -7.35 9.26 9.32
C GLY C 111 -8.01 10.53 8.89
N ARG C 112 -9.32 10.58 9.14
CA ARG C 112 -10.11 11.75 8.92
C ARG C 112 -10.48 12.35 10.25
N PHE C 113 -10.21 13.64 10.46
CA PHE C 113 -10.43 14.29 11.73
C PHE C 113 -11.49 15.36 11.54
N ASP C 114 -12.52 15.39 12.39
CA ASP C 114 -13.48 16.49 12.36
C ASP C 114 -13.13 17.45 13.46
N MET C 115 -12.81 18.69 13.08
CA MET C 115 -12.37 19.70 14.03
C MET C 115 -13.49 20.71 14.33
N TYR C 116 -13.33 21.38 15.47
CA TYR C 116 -14.28 22.34 15.97
C TYR C 116 -13.56 23.40 16.82
N ARG C 117 -14.24 24.56 16.98
CA ARG C 117 -13.82 25.81 17.69
C ARG C 117 -12.31 26.07 17.86
N GLU D 6 2.21 -2.63 30.48
CA GLU D 6 2.14 -1.66 29.32
C GLU D 6 0.79 -0.95 29.04
N VAL D 7 0.03 -0.60 30.09
CA VAL D 7 -1.30 0.03 29.92
C VAL D 7 -1.19 1.51 30.37
N ILE D 8 -1.87 2.44 29.69
CA ILE D 8 -1.87 3.85 30.13
C ILE D 8 -2.97 3.99 31.17
N GLY D 9 -2.63 4.58 32.32
CA GLY D 9 -3.49 4.57 33.50
C GLY D 9 -3.44 3.24 34.20
N GLU D 10 -4.07 3.16 35.36
CA GLU D 10 -4.10 1.94 36.17
C GLU D 10 -5.31 1.07 35.89
N ILE D 11 -5.09 -0.22 35.61
CA ILE D 11 -6.22 -1.18 35.50
C ILE D 11 -6.82 -1.40 36.91
N ILE D 12 -8.14 -1.25 36.99
CA ILE D 12 -8.92 -1.37 38.22
C ILE D 12 -9.69 -2.73 38.25
N ASP D 13 -10.14 -3.17 37.06
CA ASP D 13 -10.95 -4.36 36.87
C ASP D 13 -10.64 -4.93 35.51
N LEU D 14 -10.63 -6.24 35.36
CA LEU D 14 -10.33 -6.86 34.08
C LEU D 14 -10.96 -8.23 34.00
N GLU D 15 -11.95 -8.38 33.13
CA GLU D 15 -12.52 -9.70 32.81
C GLU D 15 -12.14 -10.00 31.36
N LEU D 16 -11.11 -10.82 31.20
CA LEU D 16 -10.60 -11.14 29.91
C LEU D 16 -11.68 -11.67 28.97
N ASP D 17 -11.72 -11.09 27.80
CA ASP D 17 -12.67 -11.35 26.81
C ASP D 17 -14.02 -10.75 27.10
N ASP D 18 -14.22 -10.07 28.24
CA ASP D 18 -15.51 -9.37 28.48
C ASP D 18 -15.36 -7.85 28.70
N GLN D 19 -14.76 -7.48 29.82
CA GLN D 19 -14.83 -6.07 30.33
C GLN D 19 -13.53 -5.68 31.10
N ALA D 20 -13.18 -4.41 31.06
CA ALA D 20 -12.03 -3.89 31.85
C ALA D 20 -12.26 -2.43 32.18
N ILE D 21 -11.66 -2.00 33.29
CA ILE D 21 -11.73 -0.60 33.69
C ILE D 21 -10.37 -0.12 34.11
N SER D 22 -10.01 1.07 33.62
CA SER D 22 -8.80 1.76 34.01
C SER D 22 -9.09 3.17 34.46
N ILE D 23 -8.15 3.72 35.24
CA ILE D 23 -8.22 5.04 35.88
C ILE D 23 -6.98 5.79 35.45
N LEU D 24 -7.13 7.01 34.92
CA LEU D 24 -5.98 7.88 34.61
C LEU D 24 -6.13 9.21 35.29
N GLU D 25 -5.23 9.53 36.22
CA GLU D 25 -5.26 10.84 36.89
C GLU D 25 -4.50 11.84 36.03
N ILE D 26 -5.19 12.89 35.57
CA ILE D 26 -4.58 13.85 34.66
C ILE D 26 -3.68 14.79 35.48
N LYS D 27 -2.37 14.60 35.35
CA LYS D 27 -1.36 15.45 35.92
C LYS D 27 -0.65 16.28 34.84
N GLN D 28 0.42 16.96 35.25
CA GLN D 28 1.28 17.75 34.38
C GLN D 28 1.80 17.14 33.09
N GLU D 29 2.34 15.90 33.15
CA GLU D 29 2.64 15.07 31.98
C GLU D 29 1.58 15.15 30.87
N HIS D 30 0.33 15.43 31.20
CA HIS D 30 -0.73 15.24 30.22
C HIS D 30 -1.31 16.49 29.63
N VAL D 31 -0.85 17.67 30.04
CA VAL D 31 -1.60 18.90 29.83
C VAL D 31 -0.82 19.96 29.02
N PHE D 32 -1.58 20.85 28.38
CA PHE D 32 -1.04 21.93 27.62
C PHE D 32 -0.51 23.01 28.56
N SER D 33 0.65 23.56 28.17
CA SER D 33 1.21 24.84 28.71
C SER D 33 0.12 25.76 29.29
N ARG D 34 -0.61 26.45 28.41
CA ARG D 34 -1.48 27.57 28.81
C ARG D 34 -2.61 27.16 29.71
N ASN D 35 -3.47 26.27 29.23
CA ASN D 35 -4.84 26.08 29.81
C ASN D 35 -5.12 24.96 30.81
N GLN D 36 -4.11 24.13 31.10
CA GLN D 36 -4.30 22.99 32.01
C GLN D 36 -5.40 21.97 31.52
N ILE D 37 -5.64 21.93 30.19
CA ILE D 37 -6.54 20.98 29.54
C ILE D 37 -5.68 19.84 28.96
N ALA D 38 -6.10 18.61 29.22
CA ALA D 38 -5.39 17.40 28.78
C ALA D 38 -5.39 17.26 27.28
N ARG D 39 -4.29 16.73 26.77
CA ARG D 39 -4.15 16.47 25.34
C ARG D 39 -4.94 15.23 24.97
N GLY D 40 -5.65 15.30 23.85
CA GLY D 40 -6.55 14.22 23.49
C GLY D 40 -5.89 12.88 23.23
N HIS D 41 -4.68 12.83 22.70
CA HIS D 41 -4.00 11.56 22.53
C HIS D 41 -3.79 10.81 23.84
N HIS D 42 -3.73 11.50 25.00
CA HIS D 42 -3.68 10.80 26.31
C HIS D 42 -4.94 9.99 26.60
N LEU D 43 -6.11 10.54 26.26
CA LEU D 43 -7.35 9.83 26.37
C LEU D 43 -7.42 8.69 25.39
N PHE D 44 -7.02 8.91 24.16
CA PHE D 44 -6.98 7.84 23.17
C PHE D 44 -6.08 6.69 23.59
N ALA D 45 -4.90 7.02 24.12
CA ALA D 45 -3.91 6.08 24.58
C ALA D 45 -4.44 5.19 25.71
N GLN D 46 -5.09 5.79 26.73
CA GLN D 46 -5.71 5.03 27.82
C GLN D 46 -6.73 4.04 27.25
N ALA D 47 -7.63 4.55 26.38
CA ALA D 47 -8.65 3.70 25.73
C ALA D 47 -8.05 2.61 24.84
N ASN D 48 -7.15 2.97 23.95
CA ASN D 48 -6.61 1.96 23.04
C ASN D 48 -5.87 0.87 23.79
N SER D 49 -5.08 1.20 24.79
CA SER D 49 -4.32 0.20 25.55
C SER D 49 -5.19 -0.68 26.51
N LEU D 50 -6.27 -0.10 27.00
CA LEU D 50 -7.30 -0.91 27.67
C LEU D 50 -7.98 -1.88 26.71
N ALA D 51 -8.25 -1.49 25.47
CA ALA D 51 -8.82 -2.38 24.44
C ALA D 51 -7.87 -3.52 24.11
N VAL D 52 -6.59 -3.24 24.05
CA VAL D 52 -5.60 -4.29 23.90
C VAL D 52 -5.58 -5.24 25.14
N ALA D 53 -5.67 -4.64 26.33
CA ALA D 53 -5.72 -5.36 27.60
C ALA D 53 -6.86 -6.40 27.77
N VAL D 54 -8.09 -6.06 27.36
CA VAL D 54 -9.20 -7.02 27.46
C VAL D 54 -9.05 -8.27 26.58
N ILE D 55 -8.08 -8.31 25.67
CA ILE D 55 -7.82 -9.49 24.86
C ILE D 55 -6.82 -10.41 25.55
N LEU D 59 -1.87 -11.38 22.89
CA LEU D 59 -0.96 -10.47 22.17
C LEU D 59 -1.56 -9.94 20.83
N ALA D 60 -2.10 -8.69 20.85
CA ALA D 60 -3.11 -8.18 19.87
C ALA D 60 -2.87 -6.75 19.35
N LEU D 61 -3.45 -6.45 18.20
CA LEU D 61 -3.21 -5.20 17.48
C LEU D 61 -4.53 -4.53 17.12
N THR D 62 -4.55 -3.21 17.20
CA THR D 62 -5.66 -2.39 16.72
C THR D 62 -5.58 -2.20 15.23
N ALA D 63 -6.68 -2.39 14.48
CA ALA D 63 -6.66 -2.14 13.03
C ALA D 63 -7.31 -0.82 12.63
N SER D 64 -8.28 -0.39 13.41
CA SER D 64 -9.19 0.66 13.01
C SER D 64 -9.82 1.18 14.31
N ALA D 65 -10.30 2.42 14.28
CA ALA D 65 -11.04 2.95 15.42
C ALA D 65 -11.86 4.15 14.99
N ASP D 66 -13.07 4.27 15.55
CA ASP D 66 -13.95 5.44 15.36
C ASP D 66 -14.11 6.06 16.74
N ILE D 67 -13.62 7.29 16.93
CA ILE D 67 -13.54 7.82 18.27
C ILE D 67 -14.12 9.18 18.29
N ARG D 68 -14.52 9.61 19.46
CA ARG D 68 -14.77 11.01 19.63
C ARG D 68 -14.39 11.46 21.02
N PHE D 69 -14.13 12.76 21.07
CA PHE D 69 -13.81 13.47 22.28
C PHE D 69 -14.96 14.42 22.60
N THR D 70 -15.56 14.25 23.76
CA THR D 70 -16.76 15.01 24.14
C THR D 70 -16.48 16.28 24.95
N ARG D 71 -16.06 16.19 26.20
CA ARG D 71 -15.70 17.38 27.00
C ARG D 71 -14.15 17.50 27.07
N GLN D 72 -13.59 18.72 27.11
CA GLN D 72 -12.16 18.95 27.46
C GLN D 72 -11.97 18.37 28.85
N VAL D 73 -10.89 17.65 29.07
CA VAL D 73 -10.56 17.17 30.40
C VAL D 73 -9.47 18.09 30.99
N LYS D 74 -9.66 18.48 32.25
CA LYS D 74 -8.82 19.45 32.93
C LYS D 74 -7.90 18.68 33.90
N GLN D 75 -6.76 19.26 34.20
CA GLN D 75 -5.82 18.68 35.10
C GLN D 75 -6.43 18.49 36.49
N GLY D 76 -5.93 17.51 37.24
CA GLY D 76 -6.51 17.18 38.51
C GLY D 76 -7.65 16.19 38.36
N GLU D 77 -8.14 15.97 37.13
CA GLU D 77 -9.24 15.04 36.92
C GLU D 77 -8.81 13.57 36.78
N ARG D 78 -9.69 12.70 37.19
CA ARG D 78 -9.51 11.28 36.99
C ARG D 78 -10.47 10.89 35.88
N VAL D 79 -9.93 10.18 34.89
CA VAL D 79 -10.68 9.65 33.79
C VAL D 79 -10.75 8.16 33.90
N VAL D 80 -11.98 7.68 34.06
CA VAL D 80 -12.28 6.29 34.14
C VAL D 80 -12.69 5.72 32.78
N ALA D 81 -11.90 4.81 32.27
CA ALA D 81 -12.16 4.19 30.99
C ALA D 81 -12.77 2.82 31.22
N LYS D 82 -13.84 2.53 30.51
CA LYS D 82 -14.60 1.26 30.64
C LYS D 82 -14.65 0.63 29.26
N ALA D 83 -13.96 -0.50 29.11
CA ALA D 83 -13.94 -1.23 27.83
C ALA D 83 -14.86 -2.45 27.90
N LYS D 84 -15.63 -2.68 26.84
CA LYS D 84 -16.53 -3.84 26.74
C LYS D 84 -16.32 -4.48 25.38
N VAL D 85 -16.09 -5.80 25.35
CA VAL D 85 -16.07 -6.56 24.11
C VAL D 85 -17.50 -6.68 23.55
N THR D 86 -17.76 -6.22 22.34
CA THR D 86 -19.13 -6.20 21.82
C THR D 86 -19.39 -7.13 20.59
N ALA D 87 -18.32 -7.67 20.00
CA ALA D 87 -18.45 -8.74 18.98
C ALA D 87 -17.09 -9.44 18.82
N VAL D 88 -17.13 -10.75 18.58
CA VAL D 88 -15.93 -11.53 18.27
C VAL D 88 -16.26 -12.29 16.98
N GLU D 89 -15.33 -12.33 16.04
CA GLU D 89 -15.47 -13.17 14.83
C GLU D 89 -14.32 -14.15 14.86
N LYS D 90 -14.55 -15.26 15.56
CA LYS D 90 -13.62 -16.38 15.69
C LYS D 90 -12.98 -16.61 14.31
N GLU D 91 -13.82 -16.77 13.29
CA GLU D 91 -13.35 -17.02 11.91
C GLU D 91 -12.30 -16.04 11.37
N LYS D 92 -12.63 -14.74 11.18
CA LYS D 92 -11.69 -13.80 10.55
C LYS D 92 -10.63 -13.33 11.56
N GLY D 93 -10.88 -13.48 12.85
CA GLY D 93 -9.91 -13.04 13.89
C GLY D 93 -10.13 -11.62 14.42
N ARG D 94 -11.34 -11.08 14.27
CA ARG D 94 -11.67 -9.70 14.65
C ARG D 94 -12.45 -9.69 15.93
N THR D 95 -12.00 -8.88 16.88
CA THR D 95 -12.74 -8.56 18.08
C THR D 95 -13.02 -7.07 18.01
N VAL D 96 -14.20 -6.65 18.38
CA VAL D 96 -14.56 -5.24 18.49
C VAL D 96 -14.69 -4.87 19.98
N VAL D 97 -14.03 -3.80 20.39
CA VAL D 97 -14.11 -3.32 21.75
C VAL D 97 -14.68 -1.85 21.74
N GLU D 98 -15.74 -1.59 22.47
CA GLU D 98 -16.27 -0.26 22.63
C GLU D 98 -15.64 0.24 23.96
N VAL D 99 -15.08 1.47 23.96
CA VAL D 99 -14.54 2.05 25.19
C VAL D 99 -15.15 3.42 25.43
N ASN D 100 -15.83 3.58 26.56
CA ASN D 100 -16.34 4.87 26.99
C ASN D 100 -15.60 5.29 28.26
N SER D 101 -15.17 6.56 28.28
CA SER D 101 -14.40 7.13 29.35
C SER D 101 -15.21 8.23 30.04
N TYR D 102 -15.05 8.33 31.36
CA TYR D 102 -15.84 9.29 32.14
C TYR D 102 -15.03 10.12 33.13
N VAL D 103 -15.53 11.31 33.39
CA VAL D 103 -15.12 12.10 34.52
C VAL D 103 -16.39 12.38 35.31
N GLY D 104 -16.42 11.87 36.54
CA GLY D 104 -17.65 11.76 37.30
C GLY D 104 -18.59 10.89 36.49
N GLU D 105 -19.79 11.42 36.28
CA GLU D 105 -20.84 10.78 35.55
C GLU D 105 -20.83 11.16 34.04
N GLU D 106 -20.01 12.12 33.60
CA GLU D 106 -20.01 12.56 32.15
C GLU D 106 -18.92 11.91 31.23
N ILE D 107 -19.38 11.40 30.09
CA ILE D 107 -18.51 10.97 28.99
C ILE D 107 -17.59 12.06 28.53
N VAL D 108 -16.32 11.75 28.48
CA VAL D 108 -15.32 12.63 27.87
C VAL D 108 -14.76 12.00 26.57
N PHE D 109 -14.97 10.70 26.36
CA PHE D 109 -14.45 10.04 25.19
C PHE D 109 -15.16 8.72 24.95
N SER D 110 -15.35 8.43 23.67
CA SER D 110 -16.01 7.21 23.24
C SER D 110 -15.32 6.68 22.00
N GLY D 111 -15.10 5.38 21.92
CA GLY D 111 -14.45 4.79 20.77
C GLY D 111 -14.74 3.34 20.54
N ARG D 112 -14.92 2.98 19.27
CA ARG D 112 -15.06 1.58 18.82
C ARG D 112 -13.75 1.16 18.18
N PHE D 113 -13.16 0.07 18.70
CA PHE D 113 -11.85 -0.37 18.30
C PHE D 113 -12.01 -1.70 17.56
N ASP D 114 -11.40 -1.80 16.39
CA ASP D 114 -11.38 -3.02 15.62
C ASP D 114 -10.05 -3.74 15.77
N MET D 115 -10.00 -4.83 16.54
CA MET D 115 -8.76 -5.48 16.90
C MET D 115 -8.54 -6.72 16.00
N TYR D 116 -7.31 -7.00 15.61
CA TYR D 116 -6.98 -8.26 14.95
C TYR D 116 -6.16 -9.01 16.02
#